data_7JRM
#
_entry.id   7JRM
#
_cell.length_a   151.050
_cell.length_b   49.160
_cell.length_c   78.500
_cell.angle_alpha   90.000
_cell.angle_beta   112.050
_cell.angle_gamma   90.000
#
_symmetry.space_group_name_H-M   'C 1 2 1'
#
loop_
_entity.id
_entity.type
_entity.pdbx_description
1 polymer 'F5/8 type C domain protein'
2 non-polymer 'CALCIUM ION'
3 water water
#
_entity_poly.entity_id   1
_entity_poly.type   'polypeptide(L)'
_entity_poly.pdbx_seq_one_letter_code
;ATLSSKPIIKGENLAYSMDEKVDLMKGITATDIEDGNITSKVQIKSSDFVEGKSGIFTVVYSVTDSDGLTSECSRTIAVT
DKETQLSDLNWKSATIGSGSVRKDRAVSGNQIRLLNEDNSVETFAKGIGTHSYSEIVYNSEGYDIFDTWVGIDRHVADKK
VSSVKFKVYVDGELKAETDVMRIDTPKKRLVVDVRNSKEIKLVVDVADNGNNWDHADWADAKFRNLAEYDASELNKAIEE
AKKLDLNNYTEESSEALKNAISKGEEALLSKDKETINSALEELNKEMNSLVKVDLNAVINIPDKYLLKSIQNQLNKTGDI
TLGDMYSLTTLTLSGVEDLTGLENAKNLETLNMDYNEVKDLRPLSKLKKLNTLNAQEQFIAAGELKPSNGKVIGDSKVYN
REGKNVAKTIRVVDKNGNTILEQDAKDEFTINTKDLSSGLYGVHVLFEDEGFSGVMFYLFNV
;
_entity_poly.pdbx_strand_id   A
#
loop_
_chem_comp.id
_chem_comp.type
_chem_comp.name
_chem_comp.formula
CA non-polymer 'CALCIUM ION' 'Ca 2'
#
# COMPACT_ATOMS: atom_id res chain seq x y z
N PRO A 7 -9.39 -44.12 -16.23
CA PRO A 7 -9.12 -42.86 -15.55
C PRO A 7 -10.38 -42.01 -15.35
N ILE A 8 -10.71 -41.71 -14.10
CA ILE A 8 -11.88 -40.91 -13.76
C ILE A 8 -11.37 -39.58 -13.23
N ILE A 9 -11.37 -38.56 -14.08
CA ILE A 9 -10.97 -37.22 -13.69
C ILE A 9 -12.21 -36.43 -13.28
N LYS A 10 -12.17 -35.84 -12.09
CA LYS A 10 -13.31 -35.13 -11.54
C LYS A 10 -12.92 -33.70 -11.17
N GLY A 11 -13.92 -32.83 -11.19
CA GLY A 11 -13.72 -31.42 -10.85
C GLY A 11 -15.04 -30.67 -10.84
N GLU A 12 -15.28 -29.91 -9.77
N GLU A 12 -15.28 -29.91 -9.77
CA GLU A 12 -16.51 -29.17 -9.60
CA GLU A 12 -16.52 -29.17 -9.60
C GLU A 12 -16.26 -27.67 -9.73
C GLU A 12 -16.26 -27.67 -9.71
N ASN A 13 -17.35 -26.92 -9.92
CA ASN A 13 -17.25 -25.48 -10.06
C ASN A 13 -16.84 -24.83 -8.75
N LEU A 14 -15.94 -23.85 -8.84
CA LEU A 14 -15.41 -23.16 -7.68
C LEU A 14 -15.72 -21.67 -7.76
N ALA A 15 -15.57 -21.00 -6.61
CA ALA A 15 -15.75 -19.55 -6.52
C ALA A 15 -14.74 -19.00 -5.52
N TYR A 16 -14.07 -17.92 -5.89
CA TYR A 16 -13.09 -17.27 -5.04
C TYR A 16 -13.41 -15.79 -4.90
N SER A 17 -12.93 -15.19 -3.82
CA SER A 17 -13.08 -13.76 -3.61
C SER A 17 -11.89 -13.02 -4.21
N MET A 18 -11.89 -11.70 -4.08
CA MET A 18 -10.86 -10.88 -4.73
C MET A 18 -9.50 -11.03 -4.06
N ASP A 19 -9.48 -11.22 -2.74
CA ASP A 19 -8.23 -11.27 -1.99
C ASP A 19 -7.68 -12.69 -1.81
N GLU A 20 -8.41 -13.70 -2.25
CA GLU A 20 -8.00 -15.09 -2.04
C GLU A 20 -7.06 -15.55 -3.14
N LYS A 21 -6.14 -16.44 -2.78
CA LYS A 21 -5.20 -17.01 -3.75
C LYS A 21 -5.87 -18.15 -4.50
N VAL A 22 -5.96 -18.03 -5.81
CA VAL A 22 -6.66 -19.02 -6.62
C VAL A 22 -5.75 -20.22 -6.85
N ASP A 23 -6.21 -21.39 -6.40
CA ASP A 23 -5.53 -22.65 -6.66
C ASP A 23 -6.27 -23.35 -7.80
N LEU A 24 -5.66 -23.37 -8.98
CA LEU A 24 -6.32 -23.93 -10.16
C LEU A 24 -6.53 -25.44 -10.04
N MET A 25 -5.84 -26.11 -9.12
CA MET A 25 -5.96 -27.54 -8.94
C MET A 25 -6.81 -27.92 -7.74
N LYS A 26 -7.45 -26.93 -7.09
CA LYS A 26 -8.27 -27.21 -5.92
C LYS A 26 -9.50 -28.01 -6.32
N GLY A 27 -9.68 -29.18 -5.71
CA GLY A 27 -10.83 -30.01 -5.98
C GLY A 27 -10.69 -30.93 -7.16
N ILE A 28 -9.53 -31.00 -7.80
CA ILE A 28 -9.32 -31.86 -8.96
C ILE A 28 -8.76 -33.19 -8.49
N THR A 29 -9.42 -34.28 -8.88
CA THR A 29 -9.00 -35.63 -8.53
C THR A 29 -8.99 -36.50 -9.78
N ALA A 30 -8.13 -37.51 -9.78
CA ALA A 30 -8.01 -38.43 -10.91
C ALA A 30 -7.66 -39.80 -10.36
N THR A 31 -8.56 -40.77 -10.58
CA THR A 31 -8.36 -42.14 -10.12
C THR A 31 -8.51 -43.10 -11.29
N ASP A 32 -7.77 -44.21 -11.22
CA ASP A 32 -7.82 -45.23 -12.26
C ASP A 32 -7.63 -46.59 -11.61
N ILE A 33 -8.33 -47.59 -12.16
CA ILE A 33 -8.25 -48.94 -11.61
C ILE A 33 -6.88 -49.55 -11.90
N GLU A 34 -6.25 -49.17 -13.01
CA GLU A 34 -4.96 -49.75 -13.36
C GLU A 34 -3.81 -49.07 -12.66
N ASP A 35 -3.92 -47.76 -12.38
CA ASP A 35 -2.85 -46.99 -11.77
C ASP A 35 -3.10 -46.66 -10.31
N GLY A 36 -4.32 -46.28 -9.94
CA GLY A 36 -4.60 -45.83 -8.60
C GLY A 36 -4.87 -44.35 -8.55
N ASN A 37 -4.26 -43.65 -7.60
CA ASN A 37 -4.41 -42.20 -7.48
C ASN A 37 -3.36 -41.53 -8.36
N ILE A 38 -3.78 -41.02 -9.52
CA ILE A 38 -2.88 -40.36 -10.45
C ILE A 38 -3.18 -38.86 -10.45
N THR A 39 -3.54 -38.33 -9.28
CA THR A 39 -3.85 -36.91 -9.18
C THR A 39 -2.61 -36.04 -9.39
N SER A 40 -1.43 -36.56 -9.05
CA SER A 40 -0.20 -35.79 -9.20
C SER A 40 0.18 -35.59 -10.66
N LYS A 41 -0.37 -36.38 -11.58
CA LYS A 41 -0.06 -36.29 -12.99
C LYS A 41 -1.08 -35.50 -13.79
N VAL A 42 -1.98 -34.78 -13.12
CA VAL A 42 -3.01 -34.02 -13.80
C VAL A 42 -2.39 -32.75 -14.38
N GLN A 43 -2.66 -32.50 -15.67
CA GLN A 43 -2.17 -31.32 -16.35
C GLN A 43 -3.36 -30.51 -16.87
N ILE A 44 -3.09 -29.24 -17.16
CA ILE A 44 -4.12 -28.33 -17.66
C ILE A 44 -4.04 -28.31 -19.18
N LYS A 45 -5.17 -28.61 -19.82
CA LYS A 45 -5.23 -28.64 -21.28
C LYS A 45 -5.69 -27.32 -21.89
N SER A 46 -6.55 -26.59 -21.19
CA SER A 46 -7.07 -25.33 -21.72
C SER A 46 -7.55 -24.47 -20.56
N SER A 47 -7.32 -23.16 -20.67
CA SER A 47 -7.74 -22.23 -19.62
C SER A 47 -7.67 -20.81 -20.17
N ASP A 48 -8.64 -19.99 -19.77
CA ASP A 48 -8.66 -18.57 -20.08
C ASP A 48 -8.50 -17.73 -18.81
N PHE A 49 -7.86 -18.29 -17.79
CA PHE A 49 -7.76 -17.65 -16.49
C PHE A 49 -6.70 -16.57 -16.49
N VAL A 50 -7.00 -15.45 -15.84
CA VAL A 50 -6.07 -14.34 -15.66
C VAL A 50 -6.04 -13.99 -14.17
N GLU A 51 -4.84 -13.94 -13.60
CA GLU A 51 -4.70 -13.57 -12.19
C GLU A 51 -5.04 -12.10 -11.99
N GLY A 52 -5.48 -11.77 -10.78
CA GLY A 52 -5.83 -10.40 -10.45
C GLY A 52 -6.95 -9.83 -11.28
N LYS A 53 -7.88 -10.67 -11.74
CA LYS A 53 -8.97 -10.25 -12.59
C LYS A 53 -10.26 -10.93 -12.15
N SER A 54 -11.33 -10.15 -12.00
CA SER A 54 -12.62 -10.69 -11.63
C SER A 54 -13.32 -11.24 -12.86
N GLY A 55 -13.88 -12.44 -12.73
CA GLY A 55 -14.57 -13.05 -13.85
C GLY A 55 -14.83 -14.52 -13.58
N ILE A 56 -15.42 -15.17 -14.57
CA ILE A 56 -15.73 -16.60 -14.52
C ILE A 56 -14.91 -17.26 -15.62
N PHE A 57 -13.90 -18.03 -15.22
CA PHE A 57 -12.94 -18.61 -16.15
C PHE A 57 -13.16 -20.12 -16.26
N THR A 58 -12.87 -20.65 -17.44
CA THR A 58 -13.03 -22.07 -17.73
C THR A 58 -11.65 -22.73 -17.79
N VAL A 59 -11.50 -23.87 -17.12
CA VAL A 59 -10.26 -24.63 -17.11
C VAL A 59 -10.58 -26.08 -17.46
N VAL A 60 -9.79 -26.66 -18.35
CA VAL A 60 -9.92 -28.05 -18.75
C VAL A 60 -8.72 -28.83 -18.22
N TYR A 61 -8.98 -30.03 -17.70
CA TYR A 61 -7.95 -30.85 -17.07
C TYR A 61 -7.87 -32.19 -17.78
N SER A 62 -6.63 -32.66 -17.99
CA SER A 62 -6.39 -33.93 -18.65
C SER A 62 -5.25 -34.66 -17.93
N VAL A 63 -5.32 -35.98 -17.93
CA VAL A 63 -4.34 -36.83 -17.27
C VAL A 63 -4.10 -38.07 -18.13
N THR A 64 -2.89 -38.61 -18.04
CA THR A 64 -2.50 -39.81 -18.75
C THR A 64 -1.99 -40.84 -17.75
N ASP A 65 -2.42 -42.09 -17.92
CA ASP A 65 -2.09 -43.16 -16.99
C ASP A 65 -0.86 -43.93 -17.48
N SER A 66 -0.60 -45.08 -16.85
CA SER A 66 0.55 -45.89 -17.22
C SER A 66 0.35 -46.57 -18.57
N ASP A 67 -0.73 -47.34 -18.69
CA ASP A 67 -1.02 -48.05 -19.93
C ASP A 67 -2.11 -47.34 -20.73
N LEU A 69 -3.82 -43.91 -22.21
CA LEU A 69 -5.23 -43.71 -21.86
C LEU A 69 -5.42 -42.39 -21.13
N THR A 70 -6.14 -41.46 -21.75
CA THR A 70 -6.33 -40.13 -21.21
C THR A 70 -7.81 -39.83 -21.02
N SER A 71 -8.10 -39.05 -19.98
CA SER A 71 -9.46 -38.60 -19.70
C SER A 71 -9.44 -37.09 -19.48
N GLU A 72 -10.58 -36.45 -19.74
CA GLU A 72 -10.69 -35.01 -19.66
C GLU A 72 -11.92 -34.61 -18.86
N CYS A 73 -11.83 -33.44 -18.22
CA CYS A 73 -12.96 -32.87 -17.50
C CYS A 73 -12.79 -31.34 -17.50
N SER A 74 -13.90 -30.64 -17.28
CA SER A 74 -13.90 -29.20 -17.32
C SER A 74 -14.70 -28.64 -16.15
N ARG A 75 -14.26 -27.49 -15.66
CA ARG A 75 -14.94 -26.80 -14.57
C ARG A 75 -14.63 -25.32 -14.65
N THR A 76 -15.51 -24.51 -14.07
CA THR A 76 -15.36 -23.06 -14.08
C THR A 76 -14.90 -22.56 -12.71
N ILE A 77 -14.13 -21.49 -12.71
CA ILE A 77 -13.63 -20.85 -11.50
C ILE A 77 -13.99 -19.38 -11.55
N ALA A 78 -14.82 -18.93 -10.61
CA ALA A 78 -15.28 -17.56 -10.57
C ALA A 78 -14.53 -16.77 -9.50
N VAL A 79 -14.14 -15.55 -9.84
CA VAL A 79 -13.48 -14.63 -8.91
C VAL A 79 -14.42 -13.45 -8.71
N THR A 80 -15.04 -13.38 -7.53
CA THR A 80 -16.11 -12.44 -7.25
C THR A 80 -15.70 -11.47 -6.15
N ASP A 81 -16.57 -10.49 -5.91
CA ASP A 81 -16.31 -9.47 -4.89
C ASP A 81 -17.47 -9.37 -3.91
N LYS A 82 -18.45 -8.53 -4.22
CA LYS A 82 -19.57 -8.31 -3.31
C LYS A 82 -20.45 -9.56 -3.22
N GLU A 83 -20.90 -9.86 -2.01
CA GLU A 83 -21.75 -11.01 -1.75
C GLU A 83 -23.02 -10.57 -1.04
N THR A 84 -24.11 -11.28 -1.30
CA THR A 84 -25.41 -11.02 -0.69
C THR A 84 -25.99 -12.33 -0.22
N GLN A 85 -26.18 -12.46 1.10
CA GLN A 85 -26.79 -13.66 1.65
C GLN A 85 -28.25 -13.75 1.22
N LEU A 86 -28.68 -14.96 0.84
CA LEU A 86 -30.08 -15.15 0.47
C LEU A 86 -31.00 -14.92 1.66
N SER A 87 -30.54 -15.28 2.87
CA SER A 87 -31.34 -15.05 4.06
C SER A 87 -31.46 -13.55 4.38
N ASP A 88 -30.60 -12.71 3.81
CA ASP A 88 -30.74 -11.26 3.92
C ASP A 88 -31.66 -10.69 2.85
N LEU A 89 -32.29 -11.53 2.04
CA LEU A 89 -33.25 -11.13 1.02
C LEU A 89 -34.59 -11.78 1.31
N ASN A 90 -35.59 -11.44 0.50
CA ASN A 90 -36.91 -12.01 0.60
C ASN A 90 -37.17 -12.90 -0.61
N TRP A 91 -37.60 -14.13 -0.36
CA TRP A 91 -37.91 -15.04 -1.46
C TRP A 91 -39.23 -14.67 -2.10
N LYS A 92 -39.35 -14.99 -3.39
CA LYS A 92 -40.61 -14.76 -4.09
C LYS A 92 -41.67 -15.76 -3.66
N SER A 93 -41.26 -16.99 -3.34
CA SER A 93 -42.18 -18.04 -2.91
C SER A 93 -41.37 -19.12 -2.21
N ALA A 94 -42.03 -19.86 -1.33
CA ALA A 94 -41.36 -20.92 -0.58
C ALA A 94 -42.36 -21.99 -0.21
N THR A 95 -42.04 -23.23 -0.58
CA THR A 95 -42.80 -24.40 -0.17
C THR A 95 -41.91 -25.29 0.70
N ILE A 96 -42.54 -26.07 1.57
CA ILE A 96 -41.80 -26.91 2.52
C ILE A 96 -42.69 -28.08 2.90
N GLY A 97 -42.10 -29.27 2.96
CA GLY A 97 -42.88 -30.47 3.23
C GLY A 97 -43.34 -30.57 4.66
N SER A 98 -42.58 -30.03 5.61
CA SER A 98 -42.92 -30.09 7.01
C SER A 98 -42.30 -28.91 7.74
N GLY A 99 -43.06 -28.30 8.64
CA GLY A 99 -42.58 -27.13 9.34
C GLY A 99 -42.68 -25.88 8.48
N SER A 100 -41.79 -24.92 8.75
CA SER A 100 -41.75 -23.68 8.00
C SER A 100 -40.29 -23.32 7.73
N VAL A 101 -40.07 -22.66 6.58
CA VAL A 101 -38.74 -22.25 6.19
C VAL A 101 -38.24 -21.17 7.14
N ARG A 102 -37.00 -21.32 7.61
CA ARG A 102 -36.41 -20.41 8.58
C ARG A 102 -35.16 -19.75 8.00
N LYS A 103 -35.02 -18.46 8.26
CA LYS A 103 -33.84 -17.71 7.85
C LYS A 103 -32.78 -17.78 8.95
N ASP A 104 -31.56 -18.14 8.56
CA ASP A 104 -30.39 -18.21 9.43
C ASP A 104 -30.53 -19.25 10.53
N ARG A 105 -31.57 -20.08 10.49
CA ARG A 105 -31.76 -21.16 11.44
C ARG A 105 -32.20 -22.41 10.69
N ALA A 106 -31.98 -23.56 11.31
CA ALA A 106 -32.49 -24.81 10.77
C ALA A 106 -34.01 -24.85 10.93
N VAL A 107 -34.63 -25.83 10.28
CA VAL A 107 -36.09 -25.94 10.32
C VAL A 107 -36.56 -26.27 11.73
N SER A 108 -35.71 -26.89 12.54
CA SER A 108 -36.05 -27.20 13.93
C SER A 108 -35.84 -26.02 14.87
N GLY A 109 -35.40 -24.87 14.36
CA GLY A 109 -35.11 -23.72 15.18
C GLY A 109 -33.69 -23.65 15.70
N ASN A 110 -32.97 -24.76 15.69
CA ASN A 110 -31.58 -24.75 16.12
C ASN A 110 -30.70 -24.09 15.06
N GLN A 111 -29.42 -23.94 15.39
CA GLN A 111 -28.48 -23.36 14.45
C GLN A 111 -28.29 -24.28 13.25
N ILE A 112 -27.96 -23.67 12.11
CA ILE A 112 -27.67 -24.44 10.90
C ILE A 112 -26.36 -25.19 11.11
N ARG A 113 -26.43 -26.53 11.03
CA ARG A 113 -25.29 -27.37 11.32
C ARG A 113 -25.20 -28.48 10.29
N LEU A 114 -24.02 -28.61 9.67
CA LEU A 114 -23.77 -29.65 8.67
C LEU A 114 -22.53 -30.43 9.09
N LEU A 115 -22.26 -31.51 8.34
CA LEU A 115 -21.14 -32.39 8.62
C LEU A 115 -19.98 -32.08 7.69
N ASN A 116 -18.77 -32.03 8.26
CA ASN A 116 -17.56 -31.79 7.50
C ASN A 116 -16.95 -33.10 7.02
N GLU A 117 -15.91 -32.97 6.19
CA GLU A 117 -15.24 -34.17 5.66
C GLU A 117 -14.54 -34.95 6.76
N ASP A 118 -14.02 -34.27 7.78
CA ASP A 118 -13.34 -34.93 8.90
C ASP A 118 -14.30 -35.31 10.02
N ASN A 119 -15.59 -35.42 9.72
CA ASN A 119 -16.67 -35.82 10.63
C ASN A 119 -16.95 -34.78 11.72
N SER A 120 -16.27 -33.63 11.71
CA SER A 120 -16.64 -32.56 12.62
C SER A 120 -17.87 -31.84 12.09
N VAL A 121 -18.52 -31.09 12.97
CA VAL A 121 -19.76 -30.37 12.66
C VAL A 121 -19.43 -28.92 12.34
N GLU A 122 -19.95 -28.42 11.23
CA GLU A 122 -19.78 -27.03 10.84
C GLU A 122 -21.05 -26.27 11.17
N THR A 123 -20.92 -25.24 12.01
CA THR A 123 -22.05 -24.41 12.43
C THR A 123 -22.04 -23.11 11.63
N PHE A 124 -23.17 -22.80 10.99
CA PHE A 124 -23.30 -21.62 10.15
C PHE A 124 -24.20 -20.60 10.83
N ALA A 125 -23.85 -19.32 10.69
CA ALA A 125 -24.72 -18.26 11.19
C ALA A 125 -25.75 -17.86 10.13
N LYS A 126 -25.43 -18.07 8.86
CA LYS A 126 -26.30 -17.66 7.76
C LYS A 126 -26.68 -18.87 6.90
N GLY A 127 -27.87 -18.79 6.33
CA GLY A 127 -28.35 -19.84 5.46
C GLY A 127 -29.86 -19.94 5.52
N ILE A 128 -30.37 -21.00 4.89
CA ILE A 128 -31.81 -21.26 4.81
C ILE A 128 -32.05 -22.69 5.28
N GLY A 129 -32.86 -22.84 6.32
CA GLY A 129 -33.24 -24.14 6.82
C GLY A 129 -34.63 -24.51 6.33
N THR A 130 -34.71 -25.62 5.61
CA THR A 130 -35.96 -26.04 4.99
C THR A 130 -36.13 -27.54 5.21
N HIS A 131 -37.11 -28.12 4.49
CA HIS A 131 -37.50 -29.51 4.69
C HIS A 131 -38.12 -30.01 3.40
N SER A 132 -37.66 -31.16 2.92
CA SER A 132 -38.23 -31.75 1.71
C SER A 132 -39.68 -32.14 1.96
N TYR A 133 -40.52 -32.02 0.93
CA TYR A 133 -40.14 -31.45 -0.36
C TYR A 133 -40.24 -29.94 -0.30
N SER A 134 -39.27 -29.24 -0.89
CA SER A 134 -39.19 -27.79 -0.77
C SER A 134 -38.81 -27.16 -2.09
N GLU A 135 -39.46 -26.04 -2.40
CA GLU A 135 -39.14 -25.22 -3.57
C GLU A 135 -39.13 -23.76 -3.13
N ILE A 136 -37.95 -23.14 -3.16
CA ILE A 136 -37.79 -21.75 -2.75
C ILE A 136 -37.24 -20.97 -3.94
N VAL A 137 -37.93 -19.91 -4.33
CA VAL A 137 -37.60 -19.11 -5.50
C VAL A 137 -37.16 -17.73 -5.05
N TYR A 138 -36.05 -17.25 -5.62
CA TYR A 138 -35.51 -15.94 -5.33
C TYR A 138 -35.37 -15.13 -6.62
N ASN A 139 -35.48 -13.81 -6.49
CA ASN A 139 -35.14 -12.92 -7.59
C ASN A 139 -33.62 -12.91 -7.77
N SER A 140 -33.16 -13.30 -8.96
CA SER A 140 -31.73 -13.40 -9.24
C SER A 140 -31.26 -12.36 -10.26
N GLU A 141 -32.05 -11.31 -10.48
CA GLU A 141 -31.68 -10.31 -11.47
C GLU A 141 -30.49 -9.49 -10.99
N GLY A 142 -29.50 -9.35 -11.86
CA GLY A 142 -28.31 -8.58 -11.56
C GLY A 142 -27.20 -9.35 -10.86
N TYR A 143 -27.41 -10.61 -10.54
CA TYR A 143 -26.43 -11.42 -9.85
C TYR A 143 -25.70 -12.33 -10.83
N ASP A 144 -24.47 -12.70 -10.47
CA ASP A 144 -23.59 -13.48 -11.35
C ASP A 144 -23.43 -14.92 -10.91
N ILE A 145 -23.17 -15.16 -9.63
CA ILE A 145 -22.82 -16.49 -9.12
C ILE A 145 -23.67 -16.79 -7.90
N PHE A 146 -24.17 -18.02 -7.83
CA PHE A 146 -24.84 -18.54 -6.64
C PHE A 146 -23.94 -19.58 -5.98
N ASP A 147 -23.68 -19.40 -4.69
CA ASP A 147 -22.77 -20.26 -3.94
C ASP A 147 -23.44 -20.69 -2.65
N THR A 148 -23.32 -21.97 -2.31
CA THR A 148 -23.99 -22.50 -1.13
C THR A 148 -23.37 -23.82 -0.71
N TRP A 149 -23.48 -24.11 0.58
CA TRP A 149 -23.26 -25.44 1.13
C TRP A 149 -24.60 -26.11 1.35
N VAL A 150 -24.64 -27.43 1.14
CA VAL A 150 -25.87 -28.20 1.30
C VAL A 150 -25.58 -29.46 2.09
N GLY A 151 -26.60 -29.98 2.76
CA GLY A 151 -26.45 -31.19 3.53
C GLY A 151 -27.64 -31.39 4.45
N ILE A 152 -27.62 -32.54 5.12
CA ILE A 152 -28.64 -32.87 6.10
C ILE A 152 -28.30 -32.16 7.41
N ASP A 153 -29.29 -31.46 7.97
CA ASP A 153 -29.08 -30.76 9.24
C ASP A 153 -28.76 -31.76 10.34
N ARG A 154 -27.86 -31.35 11.25
CA ARG A 154 -27.37 -32.25 12.28
C ARG A 154 -28.39 -32.54 13.37
N HIS A 155 -29.53 -31.85 13.39
CA HIS A 155 -30.54 -32.10 14.41
C HIS A 155 -31.17 -33.49 14.27
N VAL A 156 -31.10 -34.09 13.08
CA VAL A 156 -31.70 -35.40 12.84
C VAL A 156 -30.59 -36.44 12.70
N ALA A 157 -29.47 -36.23 13.39
CA ALA A 157 -28.35 -37.16 13.32
C ALA A 157 -28.68 -38.54 13.89
N ASP A 158 -29.79 -38.68 14.61
CA ASP A 158 -30.19 -39.96 15.19
C ASP A 158 -31.40 -40.57 14.51
N LYS A 159 -31.82 -40.02 13.36
CA LYS A 159 -33.07 -40.44 12.72
C LYS A 159 -32.87 -41.50 11.66
N LYS A 160 -31.63 -41.88 11.35
CA LYS A 160 -31.30 -42.99 10.46
C LYS A 160 -31.71 -42.76 9.00
N VAL A 161 -32.98 -42.43 8.77
CA VAL A 161 -33.55 -42.50 7.43
C VAL A 161 -33.46 -41.19 6.66
N SER A 162 -32.83 -40.16 7.21
CA SER A 162 -32.77 -38.87 6.54
C SER A 162 -32.02 -38.98 5.21
N SER A 163 -32.63 -38.43 4.15
CA SER A 163 -32.06 -38.48 2.81
C SER A 163 -32.74 -37.49 1.88
N VAL A 164 -31.96 -36.62 1.22
CA VAL A 164 -32.49 -35.62 0.31
C VAL A 164 -31.58 -35.53 -0.91
N LYS A 165 -32.02 -34.72 -1.88
CA LYS A 165 -31.20 -34.35 -3.03
C LYS A 165 -31.44 -32.88 -3.31
N PHE A 166 -30.35 -32.11 -3.42
CA PHE A 166 -30.44 -30.69 -3.68
C PHE A 166 -30.34 -30.43 -5.17
N LYS A 167 -31.20 -29.55 -5.67
CA LYS A 167 -31.21 -29.16 -7.08
C LYS A 167 -31.37 -27.66 -7.17
N VAL A 168 -30.70 -27.07 -8.17
CA VAL A 168 -30.73 -25.64 -8.40
C VAL A 168 -31.20 -25.39 -9.83
N TYR A 169 -32.32 -24.68 -9.96
CA TYR A 169 -32.87 -24.32 -11.26
C TYR A 169 -32.66 -22.84 -11.51
N VAL A 170 -32.26 -22.51 -12.74
CA VAL A 170 -32.03 -21.13 -13.16
C VAL A 170 -33.01 -20.84 -14.30
N ASP A 171 -34.00 -19.99 -14.04
CA ASP A 171 -35.05 -19.68 -15.00
C ASP A 171 -35.75 -20.96 -15.47
N GLY A 172 -36.00 -21.87 -14.52
CA GLY A 172 -36.67 -23.11 -14.80
C GLY A 172 -35.80 -24.22 -15.34
N GLU A 173 -34.51 -23.95 -15.59
CA GLU A 173 -33.60 -24.94 -16.15
C GLU A 173 -32.70 -25.49 -15.06
N LEU A 174 -32.64 -26.81 -14.95
CA LEU A 174 -31.77 -27.44 -13.96
C LEU A 174 -30.31 -27.22 -14.34
N LYS A 175 -29.54 -26.64 -13.43
CA LYS A 175 -28.15 -26.31 -13.69
C LYS A 175 -27.17 -27.11 -12.83
N ALA A 176 -27.56 -27.51 -11.62
CA ALA A 176 -26.68 -28.27 -10.75
C ALA A 176 -27.53 -29.10 -9.80
N GLU A 177 -26.92 -30.20 -9.32
CA GLU A 177 -27.58 -31.07 -8.37
C GLU A 177 -26.54 -31.94 -7.69
N THR A 178 -26.89 -32.45 -6.51
CA THR A 178 -26.05 -33.35 -5.77
C THR A 178 -26.56 -34.79 -5.93
N ASP A 179 -25.81 -35.74 -5.37
CA ASP A 179 -26.33 -37.09 -5.23
C ASP A 179 -27.31 -37.14 -4.07
N VAL A 180 -27.79 -38.34 -3.75
CA VAL A 180 -28.62 -38.52 -2.57
C VAL A 180 -27.75 -38.35 -1.33
N MET A 181 -28.05 -37.34 -0.52
CA MET A 181 -27.26 -37.02 0.66
C MET A 181 -27.94 -37.59 1.90
N ARG A 182 -27.17 -38.30 2.71
CA ARG A 182 -27.66 -38.94 3.91
C ARG A 182 -27.09 -38.25 5.14
N ILE A 183 -27.34 -38.83 6.32
CA ILE A 183 -26.92 -38.21 7.57
C ILE A 183 -25.40 -38.08 7.63
N ASP A 184 -24.69 -39.13 7.25
CA ASP A 184 -23.23 -39.14 7.34
C ASP A 184 -22.57 -38.65 6.06
N THR A 185 -23.31 -38.04 5.14
CA THR A 185 -22.71 -37.48 3.94
C THR A 185 -22.14 -36.11 4.25
N PRO A 186 -20.84 -35.89 4.08
CA PRO A 186 -20.27 -34.55 4.34
C PRO A 186 -20.89 -33.50 3.43
N LYS A 187 -20.88 -32.26 3.90
CA LYS A 187 -21.53 -31.18 3.18
C LYS A 187 -20.92 -30.99 1.79
N LYS A 188 -21.78 -30.66 0.83
CA LYS A 188 -21.37 -30.46 -0.56
C LYS A 188 -21.56 -29.00 -0.95
N ARG A 189 -20.71 -28.53 -1.85
CA ARG A 189 -20.73 -27.15 -2.32
C ARG A 189 -21.34 -27.09 -3.72
N LEU A 190 -22.16 -26.06 -3.96
CA LEU A 190 -22.77 -25.83 -5.26
C LEU A 190 -22.49 -24.40 -5.67
N VAL A 191 -21.81 -24.24 -6.80
CA VAL A 191 -21.49 -22.93 -7.36
C VAL A 191 -22.10 -22.86 -8.75
N VAL A 192 -23.12 -22.02 -8.91
CA VAL A 192 -23.96 -22.00 -10.11
C VAL A 192 -23.84 -20.64 -10.78
N ASP A 193 -23.64 -20.65 -12.09
CA ASP A 193 -23.70 -19.44 -12.90
C ASP A 193 -25.15 -19.00 -13.05
N VAL A 194 -25.46 -17.78 -12.61
CA VAL A 194 -26.81 -17.25 -12.69
C VAL A 194 -26.80 -15.93 -13.45
N ARG A 195 -25.83 -15.77 -14.35
CA ARG A 195 -25.68 -14.52 -15.08
C ARG A 195 -26.88 -14.29 -16.01
N ASN A 196 -27.38 -13.05 -16.00
CA ASN A 196 -28.47 -12.63 -16.87
C ASN A 196 -29.71 -13.49 -16.68
N SER A 197 -30.01 -13.84 -15.44
CA SER A 197 -31.19 -14.61 -15.08
C SER A 197 -32.16 -13.74 -14.31
N LYS A 198 -33.38 -14.25 -14.15
CA LYS A 198 -34.41 -13.56 -13.40
C LYS A 198 -34.87 -14.32 -12.16
N GLU A 199 -34.78 -15.65 -12.16
CA GLU A 199 -35.22 -16.45 -11.04
C GLU A 199 -34.25 -17.60 -10.81
N ILE A 200 -34.03 -17.93 -9.54
CA ILE A 200 -33.33 -19.15 -9.15
C ILE A 200 -34.24 -19.92 -8.21
N LYS A 201 -34.33 -21.23 -8.42
CA LYS A 201 -35.23 -22.09 -7.65
C LYS A 201 -34.40 -23.14 -6.93
N LEU A 202 -34.46 -23.12 -5.61
CA LEU A 202 -33.72 -24.07 -4.78
C LEU A 202 -34.66 -25.22 -4.38
N VAL A 203 -34.32 -26.43 -4.81
CA VAL A 203 -35.20 -27.58 -4.68
C VAL A 203 -34.52 -28.62 -3.81
N VAL A 204 -35.26 -29.12 -2.82
CA VAL A 204 -34.81 -30.21 -1.95
C VAL A 204 -35.78 -31.37 -2.17
N ASP A 205 -35.35 -32.38 -2.92
CA ASP A 205 -36.19 -33.54 -3.19
C ASP A 205 -36.09 -34.56 -2.06
N VAL A 206 -36.98 -35.55 -2.10
CA VAL A 206 -37.18 -36.44 -0.96
C VAL A 206 -36.29 -37.68 -0.98
N ALA A 207 -35.68 -38.01 -2.13
CA ALA A 207 -34.83 -39.20 -2.28
C ALA A 207 -35.66 -40.42 -1.85
N ASP A 208 -35.15 -41.28 -0.96
CA ASP A 208 -35.89 -42.44 -0.50
C ASP A 208 -36.55 -42.15 0.85
N ASN A 209 -37.40 -43.10 1.27
CA ASN A 209 -38.09 -43.04 2.55
C ASN A 209 -38.99 -41.80 2.68
N GLY A 210 -39.46 -41.28 1.54
CA GLY A 210 -40.28 -40.09 1.59
C GLY A 210 -39.51 -38.91 2.13
N ASN A 211 -40.23 -38.02 2.82
CA ASN A 211 -39.63 -36.83 3.40
C ASN A 211 -39.35 -36.99 4.90
N ASN A 212 -39.32 -38.22 5.39
CA ASN A 212 -39.19 -38.46 6.83
C ASN A 212 -37.87 -37.94 7.35
N TRP A 213 -37.94 -36.99 8.29
CA TRP A 213 -36.76 -36.41 8.93
C TRP A 213 -35.80 -35.79 7.93
N ASP A 214 -36.34 -35.20 6.87
CA ASP A 214 -35.54 -34.61 5.81
C ASP A 214 -35.26 -33.13 6.11
N HIS A 215 -34.52 -32.90 7.19
CA HIS A 215 -34.07 -31.56 7.53
C HIS A 215 -32.88 -31.19 6.65
N ALA A 216 -33.05 -30.18 5.80
CA ALA A 216 -32.03 -29.79 4.84
C ALA A 216 -31.69 -28.31 4.99
N ASP A 217 -30.42 -27.98 4.80
CA ASP A 217 -29.93 -26.62 4.93
C ASP A 217 -29.29 -26.15 3.62
N TRP A 218 -29.62 -24.93 3.22
CA TRP A 218 -28.84 -24.19 2.24
C TRP A 218 -27.89 -23.29 3.03
N ALA A 219 -26.77 -23.87 3.45
CA ALA A 219 -25.86 -23.20 4.38
C ALA A 219 -24.99 -22.19 3.64
N ASP A 220 -24.93 -20.97 4.19
CA ASP A 220 -24.14 -19.88 3.61
C ASP A 220 -24.54 -19.57 2.18
N ALA A 221 -25.80 -19.84 1.84
CA ALA A 221 -26.29 -19.59 0.49
C ALA A 221 -26.27 -18.09 0.20
N LYS A 222 -25.58 -17.71 -0.87
CA LYS A 222 -25.36 -16.30 -1.13
C LYS A 222 -25.12 -16.08 -2.62
N PHE A 223 -25.48 -14.89 -3.09
CA PHE A 223 -25.11 -14.45 -4.42
C PHE A 223 -23.71 -13.85 -4.38
N ARG A 224 -22.99 -13.96 -5.51
CA ARG A 224 -21.66 -13.40 -5.63
C ARG A 224 -21.54 -12.69 -6.96
N ASN A 225 -21.09 -11.44 -6.94
CA ASN A 225 -21.02 -10.61 -8.13
C ASN A 225 -19.57 -10.33 -8.50
N LEU A 226 -19.33 -10.21 -9.80
CA LEU A 226 -18.01 -9.81 -10.28
C LEU A 226 -17.69 -8.40 -9.79
N ALA A 227 -16.40 -8.14 -9.60
CA ALA A 227 -15.97 -6.85 -9.06
C ALA A 227 -16.34 -5.72 -10.00
N GLU A 228 -16.73 -4.58 -9.41
CA GLU A 228 -17.04 -3.38 -10.15
C GLU A 228 -15.79 -2.53 -10.40
N TYR A 229 -14.61 -3.09 -10.17
CA TYR A 229 -13.34 -2.40 -10.39
C TYR A 229 -12.36 -3.38 -11.03
N ASP A 230 -11.28 -2.83 -11.56
CA ASP A 230 -10.19 -3.64 -12.10
C ASP A 230 -8.88 -2.97 -11.74
N ALA A 231 -8.01 -3.70 -11.04
CA ALA A 231 -6.72 -3.17 -10.59
C ALA A 231 -5.56 -3.64 -11.45
N SER A 232 -5.84 -4.31 -12.57
CA SER A 232 -4.77 -4.86 -13.40
C SER A 232 -3.92 -3.77 -14.04
N GLU A 233 -4.57 -2.70 -14.54
CA GLU A 233 -3.81 -1.63 -15.18
C GLU A 233 -3.00 -0.84 -14.16
N LEU A 234 -3.59 -0.57 -12.98
CA LEU A 234 -2.84 0.14 -11.95
C LEU A 234 -1.69 -0.71 -11.42
N ASN A 235 -1.93 -2.02 -11.25
CA ASN A 235 -0.86 -2.92 -10.83
C ASN A 235 0.27 -2.93 -11.86
N LYS A 236 -0.08 -2.88 -13.15
CA LYS A 236 0.94 -2.89 -14.20
C LYS A 236 1.79 -1.63 -14.16
N ALA A 237 1.15 -0.48 -13.95
CA ALA A 237 1.89 0.79 -13.91
C ALA A 237 2.76 0.89 -12.67
N ILE A 238 2.30 0.35 -11.54
CA ILE A 238 3.08 0.43 -10.31
C ILE A 238 4.33 -0.44 -10.41
N GLU A 239 4.18 -1.67 -10.90
CA GLU A 239 5.32 -2.58 -11.02
C GLU A 239 6.38 -2.02 -11.95
N GLU A 240 5.98 -1.40 -13.05
CA GLU A 240 6.94 -0.80 -13.96
C GLU A 240 7.54 0.46 -13.36
N ALA A 241 6.79 1.18 -12.52
CA ALA A 241 7.34 2.36 -11.86
C ALA A 241 8.34 1.98 -10.78
N LYS A 242 8.05 0.92 -10.03
CA LYS A 242 8.96 0.46 -8.98
C LYS A 242 10.27 -0.10 -9.54
N LYS A 243 10.33 -0.37 -10.84
CA LYS A 243 11.56 -0.85 -11.48
C LYS A 243 12.56 0.27 -11.74
N LEU A 244 12.16 1.53 -11.62
CA LEU A 244 13.03 2.64 -11.93
C LEU A 244 13.91 3.00 -10.73
N ASP A 245 15.09 3.54 -11.05
CA ASP A 245 16.05 3.95 -10.03
C ASP A 245 15.84 5.43 -9.73
N LEU A 246 15.32 5.73 -8.54
CA LEU A 246 15.00 7.10 -8.17
C LEU A 246 16.24 7.99 -8.05
N ASN A 247 17.42 7.40 -7.92
CA ASN A 247 18.65 8.19 -7.84
C ASN A 247 18.99 8.85 -9.16
N ASN A 248 18.51 8.32 -10.28
CA ASN A 248 18.82 8.86 -11.59
C ASN A 248 17.94 10.03 -11.98
N TYR A 249 17.06 10.49 -11.10
CA TYR A 249 16.17 11.60 -11.37
C TYR A 249 16.28 12.63 -10.25
N THR A 250 15.90 13.86 -10.57
CA THR A 250 15.99 14.95 -9.61
C THR A 250 15.14 14.65 -8.37
N GLU A 251 15.56 15.22 -7.24
CA GLU A 251 14.84 14.97 -5.99
C GLU A 251 13.39 15.42 -6.09
N GLU A 252 13.13 16.51 -6.82
CA GLU A 252 11.76 17.00 -6.95
C GLU A 252 10.90 16.03 -7.76
N SER A 253 11.41 15.56 -8.90
CA SER A 253 10.63 14.66 -9.74
C SER A 253 10.55 13.26 -9.16
N SER A 254 11.62 12.79 -8.53
CA SER A 254 11.58 11.47 -7.90
C SER A 254 10.64 11.45 -6.70
N GLU A 255 10.53 12.58 -5.98
CA GLU A 255 9.58 12.68 -4.89
C GLU A 255 8.15 12.55 -5.39
N ALA A 256 7.84 13.22 -6.50
CA ALA A 256 6.47 13.17 -7.04
C ALA A 256 6.11 11.77 -7.50
N LEU A 257 7.03 11.09 -8.20
CA LEU A 257 6.77 9.72 -8.61
C LEU A 257 6.64 8.80 -7.40
N LYS A 258 7.49 8.98 -6.39
CA LYS A 258 7.39 8.19 -5.18
C LYS A 258 6.05 8.39 -4.49
N ASN A 259 5.55 9.62 -4.47
CA ASN A 259 4.24 9.89 -3.88
C ASN A 259 3.13 9.26 -4.72
N ALA A 260 3.28 9.24 -6.03
CA ALA A 260 2.27 8.63 -6.89
C ALA A 260 2.24 7.12 -6.73
N ILE A 261 3.41 6.50 -6.57
CA ILE A 261 3.47 5.06 -6.31
C ILE A 261 2.75 4.73 -5.00
N SER A 262 2.96 5.57 -3.98
CA SER A 262 2.29 5.35 -2.70
C SER A 262 0.79 5.53 -2.82
N LYS A 263 0.35 6.56 -3.54
CA LYS A 263 -1.09 6.75 -3.76
C LYS A 263 -1.68 5.60 -4.57
N GLY A 264 -0.91 5.03 -5.49
CA GLY A 264 -1.38 3.88 -6.22
C GLY A 264 -1.52 2.64 -5.35
N GLU A 265 -0.57 2.44 -4.43
CA GLU A 265 -0.65 1.32 -3.52
C GLU A 265 -1.85 1.45 -2.58
N GLU A 266 -2.15 2.68 -2.15
CA GLU A 266 -3.35 2.90 -1.35
C GLU A 266 -4.61 2.61 -2.15
N ALA A 267 -4.61 2.99 -3.43
CA ALA A 267 -5.79 2.76 -4.27
C ALA A 267 -6.06 1.27 -4.47
N LEU A 268 -5.01 0.45 -4.52
CA LEU A 268 -5.21 -0.99 -4.65
C LEU A 268 -5.96 -1.55 -3.45
N LEU A 269 -5.65 -1.07 -2.24
CA LEU A 269 -6.31 -1.57 -1.04
C LEU A 269 -7.74 -1.06 -0.94
N SER A 270 -8.04 0.08 -1.56
CA SER A 270 -9.38 0.65 -1.46
C SER A 270 -10.40 -0.19 -2.21
N LYS A 271 -9.98 -0.92 -3.24
CA LYS A 271 -10.87 -1.71 -4.08
C LYS A 271 -12.00 -0.84 -4.65
N ASP A 272 -11.70 0.43 -4.87
CA ASP A 272 -12.66 1.39 -5.39
C ASP A 272 -12.27 1.76 -6.82
N LYS A 273 -13.25 1.74 -7.72
CA LYS A 273 -12.95 1.91 -9.14
C LYS A 273 -12.37 3.28 -9.43
N GLU A 274 -13.01 4.35 -8.94
CA GLU A 274 -12.56 5.69 -9.26
C GLU A 274 -11.28 6.05 -8.53
N THR A 275 -11.08 5.53 -7.32
CA THR A 275 -9.82 5.75 -6.61
C THR A 275 -8.67 5.12 -7.38
N ILE A 276 -8.89 3.93 -7.95
CA ILE A 276 -7.83 3.26 -8.71
C ILE A 276 -7.56 4.02 -10.01
N ASN A 277 -8.63 4.42 -10.72
CA ASN A 277 -8.46 5.12 -11.99
C ASN A 277 -7.77 6.47 -11.79
N SER A 278 -8.11 7.18 -10.71
CA SER A 278 -7.48 8.47 -10.45
C SER A 278 -6.00 8.30 -10.10
N ALA A 279 -5.67 7.27 -9.32
CA ALA A 279 -4.27 7.02 -8.98
C ALA A 279 -3.49 6.61 -10.22
N LEU A 280 -4.12 5.86 -11.13
CA LEU A 280 -3.45 5.45 -12.36
C LEU A 280 -3.13 6.65 -13.23
N GLU A 281 -4.08 7.57 -13.39
CA GLU A 281 -3.85 8.76 -14.20
C GLU A 281 -2.75 9.62 -13.62
N GLU A 282 -2.72 9.77 -12.29
CA GLU A 282 -1.68 10.55 -11.65
C GLU A 282 -0.31 9.87 -11.77
N LEU A 283 -0.28 8.54 -11.58
CA LEU A 283 0.98 7.81 -11.72
C LEU A 283 1.53 7.91 -13.13
N ASN A 284 0.65 7.81 -14.13
CA ASN A 284 1.09 7.99 -15.52
C ASN A 284 1.61 9.38 -15.77
N LYS A 285 1.02 10.39 -15.13
CA LYS A 285 1.46 11.77 -15.31
C LYS A 285 2.86 11.98 -14.75
N GLU A 286 3.11 11.49 -13.52
CA GLU A 286 4.43 11.61 -12.93
C GLU A 286 5.44 10.71 -13.63
N MET A 287 4.99 9.63 -14.27
CA MET A 287 5.90 8.77 -15.02
C MET A 287 6.49 9.52 -16.21
N ASN A 288 5.67 10.28 -16.92
CA ASN A 288 6.13 11.05 -18.07
C ASN A 288 6.70 12.41 -17.67
N SER A 289 6.61 12.79 -16.40
CA SER A 289 7.16 14.05 -15.91
C SER A 289 8.54 13.87 -15.27
N LEU A 290 9.10 12.66 -15.31
CA LEU A 290 10.42 12.45 -14.75
C LEU A 290 11.48 13.17 -15.57
N VAL A 291 12.43 13.78 -14.87
CA VAL A 291 13.55 14.47 -15.49
C VAL A 291 14.84 13.88 -14.92
N LYS A 292 15.72 13.42 -15.81
CA LYS A 292 16.96 12.79 -15.39
C LYS A 292 17.96 13.85 -14.91
N VAL A 293 18.82 13.45 -13.97
CA VAL A 293 19.88 14.31 -13.49
C VAL A 293 21.00 14.38 -14.53
N ASP A 294 21.89 15.34 -14.38
CA ASP A 294 23.07 15.46 -15.22
C ASP A 294 24.28 15.49 -14.29
N LEU A 295 24.92 14.33 -14.12
CA LEU A 295 26.09 14.23 -13.25
C LEU A 295 27.30 14.98 -13.78
N ASN A 296 27.22 15.56 -14.98
CA ASN A 296 28.31 16.31 -15.57
C ASN A 296 28.12 17.83 -15.49
N ALA A 297 26.93 18.29 -15.11
CA ALA A 297 26.67 19.72 -15.05
C ALA A 297 27.50 20.38 -13.96
N VAL A 298 28.04 21.56 -14.26
CA VAL A 298 28.88 22.28 -13.31
C VAL A 298 28.02 22.93 -12.25
N ILE A 299 28.47 22.86 -11.00
CA ILE A 299 27.80 23.49 -9.87
C ILE A 299 28.43 24.85 -9.63
N ASN A 300 27.58 25.87 -9.44
CA ASN A 300 28.06 27.21 -9.17
C ASN A 300 28.47 27.31 -7.70
N ILE A 301 29.77 27.47 -7.47
CA ILE A 301 30.31 27.63 -6.12
C ILE A 301 30.97 29.00 -6.02
N PRO A 302 30.27 30.03 -5.55
CA PRO A 302 30.88 31.37 -5.52
C PRO A 302 32.04 31.50 -4.55
N ASP A 303 32.01 30.79 -3.42
CA ASP A 303 33.10 30.84 -2.46
C ASP A 303 34.27 30.02 -2.99
N LYS A 304 35.38 30.69 -3.29
CA LYS A 304 36.55 30.00 -3.81
C LYS A 304 37.17 29.06 -2.79
N TYR A 305 37.00 29.35 -1.49
CA TYR A 305 37.54 28.47 -0.47
C TYR A 305 36.72 27.19 -0.35
N LEU A 306 35.41 27.27 -0.56
CA LEU A 306 34.59 26.06 -0.61
C LEU A 306 34.94 25.21 -1.82
N LEU A 307 35.20 25.86 -2.97
CA LEU A 307 35.63 25.14 -4.15
C LEU A 307 36.97 24.44 -3.91
N LYS A 308 37.90 25.12 -3.25
CA LYS A 308 39.19 24.51 -2.92
C LYS A 308 39.02 23.40 -1.90
N SER A 309 38.10 23.57 -0.96
CA SER A 309 37.87 22.54 0.05
C SER A 309 37.31 21.27 -0.57
N ILE A 310 36.39 21.41 -1.52
CA ILE A 310 35.83 20.24 -2.20
C ILE A 310 36.88 19.59 -3.09
N GLN A 311 37.70 20.41 -3.75
CA GLN A 311 38.75 19.86 -4.61
C GLN A 311 39.77 19.07 -3.79
N ASN A 312 40.07 19.53 -2.58
CA ASN A 312 41.01 18.81 -1.72
C ASN A 312 40.43 17.47 -1.28
N GLN A 313 39.12 17.42 -1.04
CA GLN A 313 38.51 16.18 -0.57
C GLN A 313 38.36 15.17 -1.70
N LEU A 314 38.13 15.63 -2.93
CA LEU A 314 37.88 14.75 -4.06
C LEU A 314 39.10 14.52 -4.94
N ASN A 315 40.19 15.26 -4.72
CA ASN A 315 41.39 15.15 -5.53
C ASN A 315 41.08 15.39 -7.00
N LYS A 316 40.90 16.66 -7.38
CA LYS A 316 40.66 17.04 -8.76
C LYS A 316 40.80 18.55 -8.87
N THR A 317 40.92 19.02 -10.10
CA THR A 317 41.00 20.45 -10.40
C THR A 317 39.87 20.83 -11.36
N GLY A 318 39.62 22.13 -11.44
CA GLY A 318 38.59 22.62 -12.34
C GLY A 318 37.21 22.55 -11.71
N ASP A 319 36.20 22.44 -12.57
CA ASP A 319 34.81 22.51 -12.13
C ASP A 319 34.44 21.31 -11.27
N ILE A 320 33.53 21.55 -10.33
CA ILE A 320 32.94 20.51 -9.50
C ILE A 320 31.55 20.21 -10.05
N THR A 321 31.30 18.94 -10.36
CA THR A 321 30.07 18.52 -11.00
C THR A 321 29.05 18.04 -9.96
N LEU A 322 27.81 17.86 -10.41
CA LEU A 322 26.79 17.27 -9.55
C LEU A 322 27.16 15.84 -9.18
N GLY A 323 27.73 15.09 -10.13
CA GLY A 323 28.25 13.77 -9.81
C GLY A 323 29.34 13.84 -8.76
N ASP A 324 30.18 14.86 -8.83
CA ASP A 324 31.14 15.09 -7.75
C ASP A 324 30.42 15.38 -6.44
N MET A 325 29.39 16.23 -6.48
CA MET A 325 28.67 16.59 -5.27
C MET A 325 27.95 15.38 -4.67
N TYR A 326 27.38 14.51 -5.52
CA TYR A 326 26.70 13.33 -5.04
C TYR A 326 27.65 12.35 -4.35
N SER A 327 28.95 12.48 -4.58
CA SER A 327 29.92 11.54 -4.04
C SER A 327 30.45 11.93 -2.66
N LEU A 328 30.13 13.13 -2.17
CA LEU A 328 30.58 13.54 -0.84
C LEU A 328 29.78 12.82 0.23
N THR A 329 30.46 11.99 1.03
CA THR A 329 29.91 11.48 2.27
C THR A 329 30.49 12.18 3.49
N THR A 330 31.71 12.70 3.37
CA THR A 330 32.34 13.51 4.41
C THR A 330 33.07 14.66 3.74
N LEU A 331 33.15 15.79 4.44
CA LEU A 331 33.75 16.99 3.87
C LEU A 331 34.33 17.85 4.99
N THR A 332 35.55 18.32 4.77
CA THR A 332 36.23 19.22 5.71
C THR A 332 36.42 20.56 5.03
N LEU A 333 36.04 21.64 5.72
CA LEU A 333 36.10 22.98 5.18
C LEU A 333 37.16 23.80 5.91
N SER A 334 37.65 24.83 5.22
CA SER A 334 38.67 25.73 5.78
C SER A 334 38.56 27.07 5.08
N GLY A 335 38.34 28.13 5.88
CA GLY A 335 38.27 29.47 5.34
C GLY A 335 37.04 29.76 4.50
N VAL A 336 35.96 29.01 4.70
CA VAL A 336 34.74 29.17 3.89
C VAL A 336 33.84 30.22 4.52
N GLU A 337 33.28 31.09 3.68
CA GLU A 337 32.32 32.10 4.11
C GLU A 337 30.92 31.86 3.59
N ASP A 338 30.77 31.17 2.46
CA ASP A 338 29.48 30.96 1.82
C ASP A 338 29.35 29.48 1.48
N LEU A 339 28.32 28.84 2.01
CA LEU A 339 28.07 27.41 1.78
C LEU A 339 27.29 27.15 0.50
N THR A 340 27.07 28.18 -0.32
CA THR A 340 26.29 28.01 -1.54
C THR A 340 26.91 26.96 -2.45
N GLY A 341 26.08 26.02 -2.89
CA GLY A 341 26.52 24.89 -3.69
C GLY A 341 26.46 23.56 -2.94
N LEU A 342 26.63 23.59 -1.63
CA LEU A 342 26.60 22.38 -0.82
C LEU A 342 25.21 21.77 -0.73
N GLU A 343 24.17 22.47 -1.21
CA GLU A 343 22.83 21.90 -1.24
C GLU A 343 22.70 20.78 -2.27
N ASN A 344 23.73 20.54 -3.09
CA ASN A 344 23.70 19.48 -4.08
C ASN A 344 24.27 18.16 -3.56
N ALA A 345 25.03 18.19 -2.46
CA ALA A 345 25.61 16.99 -1.88
C ALA A 345 24.57 16.31 -1.00
N LYS A 346 23.64 15.62 -1.65
CA LYS A 346 22.53 14.99 -0.94
C LYS A 346 22.99 13.82 -0.07
N ASN A 347 24.15 13.25 -0.34
CA ASN A 347 24.67 12.12 0.43
C ASN A 347 25.65 12.53 1.51
N LEU A 348 25.77 13.83 1.78
CA LEU A 348 26.70 14.31 2.80
C LEU A 348 26.25 13.85 4.17
N GLU A 349 27.16 13.20 4.90
CA GLU A 349 26.88 12.70 6.24
C GLU A 349 27.64 13.42 7.34
N THR A 350 28.81 13.97 7.04
CA THR A 350 29.63 14.65 8.04
C THR A 350 30.24 15.89 7.42
N LEU A 351 30.10 17.02 8.11
CA LEU A 351 30.67 18.29 7.68
C LEU A 351 31.52 18.85 8.81
N ASN A 352 32.83 18.89 8.60
CA ASN A 352 33.78 19.40 9.59
C ASN A 352 34.19 20.80 9.15
N MET A 353 33.54 21.82 9.71
CA MET A 353 33.77 23.21 9.35
C MET A 353 34.03 24.07 10.57
N ASP A 354 34.70 23.50 11.58
CA ASP A 354 35.08 24.29 12.74
C ASP A 354 36.10 25.34 12.36
N TYR A 355 36.06 26.47 13.08
CA TYR A 355 36.99 27.58 12.88
C TYR A 355 36.91 28.13 11.46
N ASN A 356 35.71 28.15 10.90
CA ASN A 356 35.48 28.73 9.58
C ASN A 356 34.85 30.11 9.73
N GLU A 357 34.27 30.64 8.66
CA GLU A 357 33.73 31.99 8.64
C GLU A 357 32.30 31.99 8.09
N VAL A 358 31.49 31.04 8.54
CA VAL A 358 30.13 30.86 8.03
C VAL A 358 29.13 31.40 9.04
N LYS A 359 28.14 32.15 8.55
CA LYS A 359 27.08 32.70 9.37
C LYS A 359 25.70 32.24 8.92
N ASP A 360 25.61 31.29 8.00
CA ASP A 360 24.34 30.88 7.42
C ASP A 360 24.42 29.40 7.07
N LEU A 361 23.72 28.56 7.81
CA LEU A 361 23.69 27.11 7.56
C LEU A 361 22.51 26.69 6.69
N ARG A 362 21.74 27.65 6.17
CA ARG A 362 20.55 27.30 5.41
C ARG A 362 20.82 26.49 4.14
N PRO A 363 21.95 26.63 3.43
CA PRO A 363 22.21 25.72 2.30
C PRO A 363 22.24 24.25 2.67
N LEU A 364 22.44 23.92 3.95
CA LEU A 364 22.45 22.54 4.40
C LEU A 364 21.10 22.08 4.96
N SER A 365 20.05 22.88 4.75
CA SER A 365 18.76 22.60 5.40
C SER A 365 18.14 21.31 4.89
N LYS A 366 18.25 21.03 3.59
CA LYS A 366 17.61 19.87 2.98
C LYS A 366 18.52 18.67 2.88
N LEU A 367 19.68 18.68 3.55
CA LEU A 367 20.55 17.52 3.58
C LEU A 367 20.03 16.52 4.60
N LYS A 368 19.46 15.41 4.12
CA LYS A 368 18.77 14.46 4.97
C LYS A 368 19.70 13.53 5.74
N LYS A 369 20.98 13.45 5.36
CA LYS A 369 21.92 12.54 5.99
C LYS A 369 22.96 13.24 6.84
N LEU A 370 22.93 14.56 6.94
CA LEU A 370 23.93 15.31 7.68
C LEU A 370 23.67 15.17 9.17
N ASN A 371 24.21 14.11 9.76
CA ASN A 371 24.04 13.84 11.18
C ASN A 371 25.21 14.34 12.03
N THR A 372 26.36 14.62 11.42
CA THR A 372 27.55 15.11 12.13
C THR A 372 27.91 16.47 11.55
N LEU A 373 27.59 17.54 12.29
CA LEU A 373 27.89 18.91 11.87
C LEU A 373 28.79 19.54 12.92
N ASN A 374 30.04 19.78 12.56
CA ASN A 374 31.02 20.44 13.42
C ASN A 374 31.26 21.84 12.86
N ALA A 375 30.53 22.81 13.39
CA ALA A 375 30.58 24.20 12.95
C ALA A 375 30.76 25.13 14.14
N GLN A 376 31.69 24.79 15.03
CA GLN A 376 31.90 25.54 16.25
C GLN A 376 32.99 26.59 16.09
N GLU A 377 32.85 27.70 16.81
CA GLU A 377 33.86 28.75 16.89
C GLU A 377 34.15 29.36 15.51
N GLN A 378 33.09 29.86 14.88
CA GLN A 378 33.23 30.60 13.64
C GLN A 378 33.67 32.03 13.93
N PHE A 379 34.17 32.70 12.89
CA PHE A 379 34.49 34.12 12.97
C PHE A 379 34.15 34.75 11.62
N ILE A 380 33.15 35.62 11.60
CA ILE A 380 32.68 36.26 10.38
C ILE A 380 33.00 37.75 10.51
N ALA A 381 34.04 38.18 9.82
CA ALA A 381 34.39 39.60 9.75
C ALA A 381 33.40 40.30 8.83
N ALA A 382 32.39 40.93 9.43
CA ALA A 382 31.28 41.51 8.68
C ALA A 382 31.55 42.93 8.19
N GLY A 383 32.77 43.41 8.33
CA GLY A 383 33.14 44.70 7.75
C GLY A 383 32.89 45.88 8.66
N GLU A 384 32.80 47.05 8.04
CA GLU A 384 32.66 48.32 8.74
C GLU A 384 31.24 48.84 8.65
N LEU A 385 30.74 49.38 9.76
CA LEU A 385 29.47 50.08 9.80
C LEU A 385 29.73 51.58 9.87
N LYS A 386 29.00 52.36 9.06
CA LYS A 386 29.20 53.79 9.00
C LYS A 386 28.17 54.49 9.90
N PRO A 387 28.59 55.26 10.90
CA PRO A 387 27.63 55.95 11.75
C PRO A 387 26.86 57.01 10.97
N SER A 388 25.55 57.06 11.18
CA SER A 388 24.69 58.02 10.52
C SER A 388 23.55 58.40 11.45
N ASN A 389 23.22 59.68 11.48
CA ASN A 389 22.15 60.22 12.33
C ASN A 389 22.45 59.94 13.81
N GLY A 390 23.72 60.06 14.19
CA GLY A 390 24.10 59.86 15.57
C GLY A 390 23.97 58.44 16.08
N LYS A 391 23.90 57.46 15.18
CA LYS A 391 23.77 56.07 15.59
C LYS A 391 24.36 55.18 14.51
N VAL A 392 24.75 53.97 14.91
CA VAL A 392 25.23 52.96 13.98
C VAL A 392 24.28 51.77 14.05
N ILE A 393 23.97 51.20 12.88
CA ILE A 393 23.02 50.11 12.77
C ILE A 393 23.68 48.96 12.03
N GLY A 394 23.51 47.75 12.56
CA GLY A 394 24.10 46.58 11.93
C GLY A 394 23.16 45.40 11.99
N ASP A 395 23.43 44.43 11.12
CA ASP A 395 22.65 43.21 11.05
C ASP A 395 23.27 42.14 11.95
N SER A 396 22.43 41.46 12.72
CA SER A 396 22.90 40.47 13.68
C SER A 396 22.01 39.22 13.65
N LYS A 397 21.74 38.72 12.45
CA LYS A 397 20.99 37.48 12.29
C LYS A 397 21.94 36.40 11.78
N VAL A 398 22.12 35.36 12.58
CA VAL A 398 22.93 34.20 12.21
C VAL A 398 21.99 33.00 12.10
N TYR A 399 21.90 32.44 10.89
CA TYR A 399 20.93 31.40 10.61
C TYR A 399 21.52 30.01 10.84
N ASN A 400 20.74 29.15 11.48
CA ASN A 400 21.09 27.74 11.58
C ASN A 400 20.44 27.00 10.41
N ARG A 401 20.48 25.66 10.45
CA ARG A 401 19.92 24.89 9.34
C ARG A 401 18.42 25.10 9.21
N GLU A 402 17.71 25.31 10.31
CA GLU A 402 16.28 25.53 10.30
C GLU A 402 15.90 26.97 9.95
N GLY A 403 16.87 27.81 9.59
CA GLY A 403 16.57 29.19 9.26
C GLY A 403 16.24 30.06 10.44
N LYS A 404 16.63 29.67 11.65
CA LYS A 404 16.35 30.43 12.86
C LYS A 404 17.56 31.23 13.28
N ASN A 405 17.33 32.48 13.68
CA ASN A 405 18.39 33.33 14.20
C ASN A 405 18.85 32.81 15.56
N VAL A 406 20.14 32.47 15.66
CA VAL A 406 20.69 31.91 16.89
C VAL A 406 21.65 32.90 17.56
N ALA A 407 21.56 34.18 17.22
CA ALA A 407 22.42 35.18 17.85
C ALA A 407 22.04 35.34 19.32
N LYS A 408 23.06 35.49 20.16
CA LYS A 408 22.88 35.49 21.61
C LYS A 408 23.22 36.84 22.22
N THR A 409 24.49 37.24 22.20
CA THR A 409 24.95 38.40 22.94
C THR A 409 25.51 39.45 21.98
N ILE A 410 25.03 40.68 22.11
CA ILE A 410 25.56 41.82 21.39
C ILE A 410 26.34 42.68 22.38
N ARG A 411 27.66 42.72 22.22
CA ARG A 411 28.50 43.53 23.08
C ARG A 411 29.41 44.41 22.23
N VAL A 412 29.64 45.64 22.69
CA VAL A 412 30.45 46.61 21.99
C VAL A 412 31.72 46.84 22.81
N VAL A 413 32.87 46.83 22.14
CA VAL A 413 34.17 46.92 22.78
C VAL A 413 34.91 48.13 22.24
N ASP A 414 35.65 48.80 23.11
CA ASP A 414 36.45 49.96 22.71
C ASP A 414 37.87 49.50 22.39
N LYS A 415 38.77 50.47 22.15
CA LYS A 415 40.14 50.15 21.78
C LYS A 415 40.92 49.52 22.93
N ASN A 416 40.45 49.67 24.17
CA ASN A 416 41.15 49.14 25.33
C ASN A 416 40.65 47.76 25.75
N GLY A 417 39.60 47.25 25.13
CA GLY A 417 39.05 45.97 25.50
C GLY A 417 37.97 46.00 26.55
N ASN A 418 37.50 47.19 26.93
CA ASN A 418 36.47 47.32 27.96
C ASN A 418 35.10 47.31 27.30
N THR A 419 34.20 46.47 27.81
CA THR A 419 32.85 46.35 27.27
C THR A 419 32.06 47.61 27.61
N ILE A 420 31.70 48.40 26.59
CA ILE A 420 30.99 49.64 26.84
C ILE A 420 29.49 49.44 26.95
N LEU A 421 28.96 48.34 26.41
CA LEU A 421 27.56 48.00 26.55
C LEU A 421 27.36 46.55 26.12
N GLU A 422 26.25 45.98 26.56
CA GLU A 422 25.90 44.60 26.24
C GLU A 422 24.39 44.44 26.38
N GLN A 423 23.78 43.69 25.46
CA GLN A 423 22.33 43.53 25.45
C GLN A 423 21.99 42.20 24.79
N ASP A 424 20.69 41.93 24.69
CA ASP A 424 20.21 40.73 24.03
C ASP A 424 20.20 40.91 22.52
N ALA A 425 20.46 39.83 21.80
CA ALA A 425 20.58 39.87 20.36
C ALA A 425 19.23 39.69 19.69
N LYS A 426 18.89 40.61 18.78
CA LYS A 426 17.72 40.47 17.93
C LYS A 426 18.17 40.36 16.49
N ASP A 427 17.27 40.64 15.54
CA ASP A 427 17.65 40.58 14.13
C ASP A 427 18.60 41.71 13.76
N GLU A 428 18.43 42.88 14.36
CA GLU A 428 19.31 44.01 14.11
C GLU A 428 19.59 44.72 15.43
N PHE A 429 20.67 45.50 15.44
CA PHE A 429 21.06 46.25 16.62
C PHE A 429 21.34 47.70 16.24
N THR A 430 21.02 48.61 17.15
CA THR A 430 21.26 50.04 16.98
C THR A 430 22.06 50.54 18.16
N ILE A 431 23.20 51.17 17.89
CA ILE A 431 24.12 51.65 18.91
C ILE A 431 24.16 53.17 18.86
N ASN A 432 23.95 53.80 20.00
CA ASN A 432 24.10 55.24 20.11
C ASN A 432 25.58 55.60 20.09
N THR A 433 25.94 56.56 19.23
CA THR A 433 27.33 56.96 19.08
C THR A 433 27.57 58.43 19.38
N LYS A 434 26.54 59.18 19.79
CA LYS A 434 26.72 60.59 20.10
C LYS A 434 27.57 60.80 21.34
N ASP A 435 27.44 59.91 22.32
CA ASP A 435 28.16 60.05 23.60
C ASP A 435 29.48 59.29 23.61
N LEU A 436 29.92 58.76 22.48
CA LEU A 436 31.12 57.94 22.43
C LEU A 436 32.34 58.78 22.14
N SER A 437 33.44 58.48 22.82
CA SER A 437 34.70 59.15 22.55
C SER A 437 35.23 58.75 21.17
N SER A 438 36.04 59.63 20.59
CA SER A 438 36.58 59.38 19.25
C SER A 438 37.55 58.21 19.29
N GLY A 439 37.39 57.29 18.35
CA GLY A 439 38.27 56.13 18.26
C GLY A 439 37.57 54.99 17.56
N LEU A 440 38.29 53.87 17.51
CA LEU A 440 37.80 52.65 16.87
C LEU A 440 37.04 51.79 17.87
N TYR A 441 35.96 51.18 17.41
CA TYR A 441 35.13 50.33 18.25
C TYR A 441 34.75 49.07 17.50
N GLY A 442 34.64 47.98 18.23
CA GLY A 442 34.27 46.69 17.66
C GLY A 442 32.96 46.21 18.21
N VAL A 443 32.19 45.50 17.36
CA VAL A 443 30.90 44.95 17.74
C VAL A 443 30.99 43.43 17.60
N HIS A 444 30.75 42.72 18.70
CA HIS A 444 30.82 41.26 18.74
C HIS A 444 29.42 40.70 18.83
N VAL A 445 29.03 39.92 17.83
CA VAL A 445 27.71 39.27 17.79
C VAL A 445 27.93 37.81 18.18
N LEU A 446 27.74 37.51 19.46
CA LEU A 446 27.91 36.16 19.96
C LEU A 446 26.70 35.31 19.62
N PHE A 447 26.95 34.08 19.14
CA PHE A 447 25.86 33.17 18.82
C PHE A 447 26.29 31.74 19.13
N GLU A 448 25.32 30.92 19.48
CA GLU A 448 25.58 29.52 19.80
C GLU A 448 24.32 28.70 19.52
N ASP A 449 24.54 27.46 19.10
CA ASP A 449 23.46 26.52 18.81
C ASP A 449 24.05 25.12 18.87
N GLU A 450 23.22 24.12 18.54
CA GLU A 450 23.66 22.73 18.54
C GLU A 450 24.76 22.54 17.49
N GLY A 451 26.01 22.56 17.93
CA GLY A 451 27.14 22.38 17.04
C GLY A 451 27.50 23.59 16.20
N PHE A 452 26.80 24.71 16.38
CA PHE A 452 27.04 25.92 15.58
C PHE A 452 27.23 27.09 16.52
N SER A 453 28.46 27.63 16.56
CA SER A 453 28.79 28.74 17.43
C SER A 453 29.89 29.57 16.77
N GLY A 454 30.07 30.78 17.28
CA GLY A 454 31.12 31.64 16.77
C GLY A 454 30.86 33.10 17.12
N VAL A 455 31.52 33.97 16.35
CA VAL A 455 31.49 35.41 16.59
C VAL A 455 31.37 36.13 15.24
N MET A 456 30.37 37.00 15.13
CA MET A 456 30.23 37.88 13.99
C MET A 456 30.69 39.28 14.40
N PHE A 457 31.74 39.78 13.76
CA PHE A 457 32.42 40.98 14.20
C PHE A 457 32.15 42.14 13.24
N TYR A 458 31.81 43.29 13.82
CA TYR A 458 31.69 44.55 13.11
C TYR A 458 32.71 45.54 13.67
N LEU A 459 32.86 46.67 12.97
CA LEU A 459 33.62 47.79 13.51
C LEU A 459 33.01 49.08 13.01
N PHE A 460 33.18 50.15 13.79
CA PHE A 460 32.74 51.47 13.39
C PHE A 460 33.66 52.51 14.03
N ASN A 461 34.08 53.48 13.23
CA ASN A 461 34.97 54.53 13.70
C ASN A 461 34.17 55.74 14.16
N VAL A 462 34.73 56.48 15.10
CA VAL A 462 34.05 57.62 15.68
C VAL A 462 34.98 58.83 15.70
CA CA B . -35.89 -38.75 2.36
#